data_7OZD
#
_entry.id   7OZD
#
_cell.length_a   207.300
_cell.length_b   57.510
_cell.length_c   65.970
_cell.angle_alpha   90.000
_cell.angle_beta   107.440
_cell.angle_gamma   90.000
#
_symmetry.space_group_name_H-M   'C 1 2 1'
#
loop_
_entity.id
_entity.type
_entity.pdbx_description
1 polymer 'Fibroblast growth factor receptor 1'
2 non-polymer N-[6-(4-hydroxyphenyl)-1H-indazol-3-yl]benzamide
3 non-polymer 'SULFATE ION'
4 non-polymer 1,2-ETHANEDIOL
5 water water
#
_entity_poly.entity_id   1
_entity_poly.type   'polypeptide(L)'
_entity_poly.pdbx_seq_one_letter_code
;GAGVSEYELPEDPRWELPRDRLVLGKPLGEGAFGQVVLAEAIGLDKDKPNRVTKVAVKMLKSDATEKDLSDLISEMEMMK
MIGKHKNIINLLGACTQDGPLYVIVEYASKGNLREYLQARRPPGLEYSYNPSHNPEEQLSSKDLVSCAYQVARGMEYLAS
KKCIHRDLAARNVLVTEDNVMKIADFGLARDIHHIDYYKKTTNGRLPVKWMAPEALFDRIYTHQSDVWSFGVLLWEIFTL
GGSPYPGVPVEELFKLLKEGHRMDKPSNCTNELYMMMRDCWHAVPSQRPTFKQLVEDLDRIVALTSNQE
;
_entity_poly.pdbx_strand_id   AAA,BBB
#
loop_
_chem_comp.id
_chem_comp.type
_chem_comp.name
_chem_comp.formula
42I non-polymer N-[6-(4-hydroxyphenyl)-1H-indazol-3-yl]benzamide 'C20 H15 N3 O2'
EDO non-polymer 1,2-ETHANEDIOL 'C2 H6 O2'
SO4 non-polymer 'SULFATE ION' 'O4 S -2'
#
# COMPACT_ATOMS: atom_id res chain seq x y z
N GLU A 8 2.26 18.55 48.95
CA GLU A 8 1.87 17.68 50.11
C GLU A 8 2.01 16.19 49.75
N LEU A 9 3.14 15.80 49.14
CA LEU A 9 3.44 14.43 48.66
C LEU A 9 4.56 13.81 49.50
N PRO A 10 4.52 12.49 49.77
CA PRO A 10 5.56 11.85 50.58
C PRO A 10 6.89 11.74 49.81
N GLU A 11 8.01 11.94 50.49
CA GLU A 11 9.37 11.87 49.89
C GLU A 11 9.83 10.41 49.80
N ASP A 12 10.47 10.06 48.68
CA ASP A 12 11.26 8.80 48.50
C ASP A 12 12.73 9.17 48.31
N PRO A 13 13.57 9.13 49.35
CA PRO A 13 14.88 9.80 49.31
C PRO A 13 15.84 9.27 48.24
N ARG A 14 15.77 7.98 47.94
CA ARG A 14 16.45 7.29 46.80
C ARG A 14 16.36 8.18 45.54
N TRP A 15 15.14 8.59 45.18
CA TRP A 15 14.74 9.24 43.90
C TRP A 15 14.62 10.76 44.01
N GLU A 16 14.55 11.33 45.21
CA GLU A 16 14.25 12.78 45.38
C GLU A 16 15.42 13.61 44.85
N LEU A 17 15.14 14.57 43.96
CA LEU A 17 16.12 15.61 43.53
C LEU A 17 15.64 16.97 44.05
N PRO A 18 16.47 17.77 44.75
CA PRO A 18 16.05 19.10 45.20
C PRO A 18 15.65 19.94 43.98
N ARG A 19 14.53 20.66 44.07
CA ARG A 19 13.97 21.52 42.99
C ARG A 19 15.05 22.47 42.45
N ASP A 20 15.95 22.96 43.29
CA ASP A 20 16.98 23.96 42.91
C ASP A 20 18.08 23.32 42.04
N ARG A 21 18.05 22.00 41.81
CA ARG A 21 19.06 21.25 41.00
C ARG A 21 18.58 21.08 39.56
N LEU A 22 17.35 21.51 39.28
CA LEU A 22 16.66 21.28 37.99
C LEU A 22 16.48 22.64 37.29
N VAL A 23 17.32 22.90 36.26
CA VAL A 23 17.26 24.12 35.40
C VAL A 23 16.31 23.83 34.23
N LEU A 24 15.06 24.33 34.31
CA LEU A 24 14.01 24.08 33.30
C LEU A 24 14.36 24.85 32.02
N GLY A 25 13.99 24.28 30.88
CA GLY A 25 14.24 24.82 29.53
C GLY A 25 13.00 24.81 28.68
N LYS A 26 13.15 24.69 27.36
CA LYS A 26 12.01 24.85 26.42
C LYS A 26 11.15 23.59 26.44
N PRO A 27 9.83 23.71 26.14
CA PRO A 27 8.96 22.54 25.96
C PRO A 27 9.46 21.53 24.91
N LEU A 28 9.18 20.25 25.13
CA LEU A 28 9.53 19.12 24.21
C LEU A 28 8.24 18.52 23.62
N GLY A 29 7.16 18.47 24.41
CA GLY A 29 5.84 17.98 23.99
C GLY A 29 4.72 18.65 24.78
N GLY A 34 -0.31 15.32 30.01
CA GLY A 34 0.75 15.91 30.85
C GLY A 34 1.40 17.12 30.19
N GLN A 35 2.73 17.16 30.14
CA GLN A 35 3.56 18.24 29.53
C GLN A 35 5.03 17.98 29.88
N VAL A 36 5.91 17.98 28.87
CA VAL A 36 7.34 17.58 28.98
C VAL A 36 8.23 18.75 28.57
N VAL A 37 9.19 19.14 29.42
CA VAL A 37 10.20 20.20 29.11
C VAL A 37 11.60 19.60 29.19
N LEU A 38 12.49 20.10 28.34
CA LEU A 38 13.95 19.85 28.44
C LEU A 38 14.45 20.56 29.70
N ALA A 39 15.39 19.95 30.41
CA ALA A 39 15.99 20.52 31.63
C ALA A 39 17.43 20.05 31.73
N GLU A 40 18.22 20.74 32.56
CA GLU A 40 19.55 20.30 33.00
C GLU A 40 19.44 19.98 34.49
N ALA A 41 19.84 18.78 34.88
CA ALA A 41 19.89 18.33 36.30
C ALA A 41 21.34 18.42 36.75
N ILE A 42 21.58 19.11 37.87
CA ILE A 42 22.92 19.16 38.52
C ILE A 42 22.91 18.09 39.62
N GLY A 43 23.92 17.22 39.65
CA GLY A 43 24.07 16.24 40.75
C GLY A 43 22.90 15.29 40.81
N LEU A 44 22.38 14.91 39.65
CA LEU A 44 21.41 13.81 39.47
C LEU A 44 21.95 12.58 40.21
N ASP A 45 23.23 12.27 39.93
CA ASP A 45 24.01 11.19 40.58
C ASP A 45 24.60 11.72 41.90
N LYS A 46 24.33 11.04 43.04
CA LYS A 46 24.85 11.36 44.40
C LYS A 46 26.39 11.39 44.39
N ASP A 47 27.02 10.47 43.67
CA ASP A 47 28.50 10.34 43.54
C ASP A 47 29.03 11.29 42.44
N LYS A 48 28.20 12.22 41.92
CA LYS A 48 28.59 13.18 40.84
C LYS A 48 27.84 14.50 40.98
N PRO A 49 28.02 15.24 42.11
CA PRO A 49 27.19 16.42 42.43
C PRO A 49 27.41 17.68 41.57
N ASN A 50 28.48 17.73 40.75
CA ASN A 50 28.86 18.87 39.87
C ASN A 50 28.62 18.57 38.38
N ARG A 51 28.06 17.40 38.05
CA ARG A 51 27.72 16.99 36.65
C ARG A 51 26.35 17.58 36.30
N VAL A 52 26.20 18.20 35.12
CA VAL A 52 24.87 18.57 34.52
C VAL A 52 24.49 17.50 33.49
N THR A 53 23.28 16.97 33.60
CA THR A 53 22.67 16.01 32.65
C THR A 53 21.44 16.64 32.01
N LYS A 54 21.38 16.64 30.68
CA LYS A 54 20.16 16.92 29.91
C LYS A 54 19.15 15.80 30.23
N VAL A 55 17.96 16.17 30.69
CA VAL A 55 16.88 15.23 31.07
C VAL A 55 15.57 15.78 30.52
N ALA A 56 14.53 14.97 30.54
CA ALA A 56 13.15 15.35 30.19
C ALA A 56 12.33 15.36 31.46
N VAL A 57 11.58 16.44 31.70
CA VAL A 57 10.79 16.64 32.94
C VAL A 57 9.32 16.62 32.57
N LYS A 58 8.58 15.65 33.10
CA LYS A 58 7.12 15.52 32.94
C LYS A 58 6.44 16.19 34.14
N MET A 59 5.40 16.98 33.90
CA MET A 59 4.72 17.81 34.93
C MET A 59 3.25 18.03 34.56
N LEU A 60 2.49 18.62 35.48
CA LEU A 60 1.05 18.92 35.34
C LEU A 60 0.88 20.18 34.47
N LYS A 61 -0.09 20.18 33.54
CA LYS A 61 -0.53 21.39 32.81
C LYS A 61 -1.25 22.31 33.80
N SER A 62 -1.54 23.57 33.40
CA SER A 62 -2.12 24.62 34.29
C SER A 62 -3.54 24.25 34.73
N ASP A 63 -4.31 23.56 33.88
CA ASP A 63 -5.72 23.16 34.13
C ASP A 63 -5.80 21.65 34.41
N ALA A 64 -4.94 21.15 35.31
CA ALA A 64 -4.75 19.71 35.60
C ALA A 64 -5.69 19.26 36.73
N THR A 65 -6.40 18.14 36.53
CA THR A 65 -7.38 17.55 37.49
C THR A 65 -6.63 16.74 38.57
N GLU A 66 -7.34 16.20 39.56
CA GLU A 66 -6.78 15.33 40.63
C GLU A 66 -6.42 13.94 40.03
N LYS A 67 -7.12 13.52 38.98
CA LYS A 67 -6.86 12.23 38.27
C LYS A 67 -5.54 12.34 37.50
N ASP A 68 -5.31 13.50 36.86
CA ASP A 68 -4.07 13.82 36.10
C ASP A 68 -2.86 13.66 37.01
N LEU A 69 -2.88 14.26 38.20
CA LEU A 69 -1.81 14.10 39.23
C LEU A 69 -1.71 12.63 39.65
N SER A 70 -2.84 11.91 39.70
CA SER A 70 -2.91 10.48 40.09
C SER A 70 -2.29 9.58 38.99
N ASP A 71 -2.54 9.92 37.72
CA ASP A 71 -1.96 9.23 36.54
C ASP A 71 -0.44 9.41 36.53
N LEU A 72 0.03 10.65 36.73
CA LEU A 72 1.46 11.01 36.69
C LEU A 72 2.22 10.25 37.79
N ILE A 73 1.69 10.23 39.01
CA ILE A 73 2.28 9.47 40.16
C ILE A 73 2.31 7.98 39.79
N SER A 74 1.26 7.47 39.17
CA SER A 74 1.13 6.03 38.79
C SER A 74 2.24 5.66 37.80
N GLU A 75 2.48 6.51 36.80
CA GLU A 75 3.55 6.30 35.79
C GLU A 75 4.90 6.30 36.51
N MET A 76 5.17 7.26 37.38
CA MET A 76 6.45 7.30 38.14
C MET A 76 6.60 6.00 38.95
N GLU A 77 5.58 5.58 39.68
CA GLU A 77 5.68 4.39 40.60
C GLU A 77 5.86 3.12 39.75
N MET A 78 5.20 3.05 38.59
CA MET A 78 5.32 1.91 37.63
C MET A 78 6.78 1.84 37.13
N MET A 79 7.38 2.99 36.80
CA MET A 79 8.79 3.03 36.32
C MET A 79 9.72 2.55 37.43
N LYS A 80 9.45 2.90 38.70
CA LYS A 80 10.29 2.42 39.82
C LYS A 80 10.24 0.87 39.86
N MET A 81 9.06 0.29 39.77
CA MET A 81 8.87 -1.18 39.88
C MET A 81 9.51 -1.90 38.68
N ILE A 82 9.44 -1.35 37.47
CA ILE A 82 9.92 -2.05 36.25
C ILE A 82 11.45 -2.12 36.24
N GLY A 83 12.12 -1.08 36.78
CA GLY A 83 13.59 -1.04 36.84
C GLY A 83 14.22 -0.66 35.52
N LYS A 84 15.55 -0.71 35.49
CA LYS A 84 16.35 -0.04 34.43
C LYS A 84 16.61 -1.00 33.28
N HIS A 85 16.58 -0.49 32.06
CA HIS A 85 17.07 -1.22 30.87
C HIS A 85 17.60 -0.20 29.85
N LYS A 86 18.63 -0.58 29.11
CA LYS A 86 19.21 0.26 28.03
C LYS A 86 18.13 0.74 27.04
N ASN A 87 17.16 -0.11 26.69
CA ASN A 87 16.24 0.15 25.55
C ASN A 87 14.87 0.57 26.04
N ILE A 88 14.79 1.15 27.24
CA ILE A 88 13.58 1.89 27.69
C ILE A 88 14.00 3.27 28.19
N ILE A 89 13.05 4.20 28.22
CA ILE A 89 13.22 5.54 28.85
C ILE A 89 13.21 5.31 30.36
N ASN A 90 14.33 5.61 31.03
CA ASN A 90 14.53 5.24 32.45
C ASN A 90 14.16 6.45 33.32
N LEU A 91 13.59 6.17 34.50
CA LEU A 91 13.34 7.19 35.54
C LEU A 91 14.70 7.59 36.11
N LEU A 92 14.92 8.90 36.30
CA LEU A 92 16.22 9.40 36.85
C LEU A 92 16.00 10.04 38.22
N GLY A 93 14.81 10.54 38.50
CA GLY A 93 14.57 11.29 39.74
C GLY A 93 13.17 11.86 39.75
N ALA A 94 12.81 12.54 40.83
CA ALA A 94 11.53 13.24 41.00
C ALA A 94 11.72 14.42 41.96
N CYS A 95 10.94 15.48 41.74
CA CYS A 95 10.73 16.62 42.66
C CYS A 95 9.31 16.51 43.21
N THR A 96 9.17 16.08 44.47
CA THR A 96 7.90 15.76 45.17
C THR A 96 7.65 16.74 46.33
N GLN A 97 8.68 17.46 46.78
CA GLN A 97 8.65 18.34 47.99
C GLN A 97 8.68 19.81 47.56
N ASP A 98 7.63 20.56 47.94
CA ASP A 98 7.62 22.05 47.95
C ASP A 98 7.48 22.57 46.52
N GLY A 99 6.44 22.14 45.82
CA GLY A 99 6.16 22.55 44.43
C GLY A 99 5.30 21.53 43.69
N PRO A 100 5.09 21.71 42.37
CA PRO A 100 4.31 20.74 41.59
C PRO A 100 5.18 19.50 41.35
N LEU A 101 4.56 18.36 41.08
CA LEU A 101 5.28 17.08 40.85
C LEU A 101 6.12 17.21 39.57
N TYR A 102 7.43 16.97 39.65
CA TYR A 102 8.29 16.78 38.46
C TYR A 102 8.80 15.33 38.41
N VAL A 103 8.50 14.60 37.35
CA VAL A 103 9.05 13.23 37.08
C VAL A 103 10.15 13.40 36.02
N ILE A 104 11.37 13.08 36.40
CA ILE A 104 12.59 13.32 35.58
C ILE A 104 12.96 12.00 34.91
N VAL A 105 12.98 11.98 33.57
CA VAL A 105 13.29 10.75 32.79
C VAL A 105 14.40 11.07 31.80
N GLU A 106 14.98 10.02 31.19
CA GLU A 106 16.02 10.14 30.15
C GLU A 106 15.47 10.99 28.99
N TYR A 107 16.35 11.82 28.44
CA TYR A 107 16.12 12.68 27.27
C TYR A 107 16.69 11.99 26.03
N ALA A 108 15.92 11.99 24.96
CA ALA A 108 16.30 11.37 23.67
C ALA A 108 16.35 12.50 22.65
N SER A 109 17.56 12.98 22.31
CA SER A 109 17.76 14.24 21.54
C SER A 109 17.31 14.07 20.09
N LYS A 110 17.27 12.83 19.58
CA LYS A 110 16.98 12.61 18.14
C LYS A 110 15.50 12.31 17.89
N GLY A 111 14.62 12.53 18.88
CA GLY A 111 13.15 12.49 18.73
C GLY A 111 12.59 11.06 18.65
N ASN A 112 11.37 10.88 18.16
CA ASN A 112 10.76 9.52 18.03
C ASN A 112 11.28 8.83 16.76
N LEU A 113 11.14 7.51 16.73
CA LEU A 113 11.75 6.66 15.69
C LEU A 113 11.13 7.00 14.33
N ARG A 114 9.83 7.33 14.28
CA ARG A 114 9.18 7.73 13.00
C ARG A 114 9.93 8.97 12.46
N GLU A 115 10.13 9.99 13.29
CA GLU A 115 10.86 11.24 12.90
C GLU A 115 12.30 10.91 12.48
N TYR A 116 13.00 10.11 13.26
CA TYR A 116 14.40 9.70 13.03
C TYR A 116 14.54 9.04 11.66
N LEU A 117 13.64 8.11 11.34
CA LEU A 117 13.69 7.37 10.06
C LEU A 117 13.36 8.31 8.88
N GLN A 118 12.28 9.09 8.99
CA GLN A 118 11.83 10.00 7.90
C GLN A 118 12.96 11.00 7.58
N ALA A 119 13.62 11.54 8.60
CA ALA A 119 14.71 12.54 8.46
C ALA A 119 15.90 11.91 7.72
N ARG A 120 16.00 10.58 7.70
CA ARG A 120 17.16 9.86 7.11
C ARG A 120 16.75 9.12 5.82
N ARG A 121 15.60 9.46 5.24
CA ARG A 121 15.19 8.92 3.92
C ARG A 121 16.22 9.38 2.88
N PRO A 122 16.53 8.57 1.83
CA PRO A 122 17.40 9.02 0.75
C PRO A 122 16.78 10.21 0.02
N PRO A 123 17.59 11.03 -0.68
CA PRO A 123 17.12 12.29 -1.27
C PRO A 123 15.89 12.20 -2.18
N GLY A 124 15.12 13.29 -2.23
CA GLY A 124 13.89 13.42 -3.05
C GLY A 124 14.19 13.49 -4.54
N PRO A 135 18.99 14.97 3.24
CA PRO A 135 19.24 14.66 4.66
C PRO A 135 20.72 14.71 5.03
N GLU A 136 21.03 14.82 6.32
CA GLU A 136 22.42 14.85 6.87
C GLU A 136 23.01 13.43 6.89
N GLU A 137 22.24 12.45 7.40
CA GLU A 137 22.70 11.06 7.71
C GLU A 137 21.84 10.03 6.97
N GLN A 138 22.43 8.90 6.58
CA GLN A 138 21.74 7.77 5.89
C GLN A 138 22.00 6.49 6.69
N LEU A 139 20.98 5.64 6.81
CA LEU A 139 21.07 4.37 7.58
C LEU A 139 21.38 3.23 6.63
N SER A 140 22.23 2.29 7.05
CA SER A 140 22.50 1.01 6.34
C SER A 140 21.39 -0.01 6.64
N SER A 141 21.33 -1.08 5.85
CA SER A 141 20.41 -2.22 6.11
C SER A 141 20.66 -2.74 7.52
N LYS A 142 21.92 -2.93 7.92
CA LYS A 142 22.31 -3.38 9.28
C LYS A 142 21.75 -2.42 10.34
N ASP A 143 21.79 -1.10 10.11
CA ASP A 143 21.27 -0.07 11.04
C ASP A 143 19.76 -0.26 11.24
N LEU A 144 19.01 -0.56 10.18
CA LEU A 144 17.53 -0.75 10.30
C LEU A 144 17.25 -1.99 11.13
N VAL A 145 17.98 -3.08 10.88
CA VAL A 145 17.77 -4.35 11.63
C VAL A 145 18.16 -4.12 13.08
N SER A 146 19.23 -3.38 13.33
CA SER A 146 19.70 -3.00 14.69
C SER A 146 18.60 -2.25 15.46
N CYS A 147 17.90 -1.34 14.79
N CYS A 147 17.93 -1.29 14.81
CA CYS A 147 16.76 -0.55 15.35
CA CYS A 147 16.76 -0.56 15.40
C CYS A 147 15.65 -1.51 15.80
C CYS A 147 15.75 -1.62 15.88
N ALA A 148 15.37 -2.54 15.00
CA ALA A 148 14.38 -3.61 15.29
C ALA A 148 14.87 -4.47 16.47
N TYR A 149 16.12 -4.90 16.46
CA TYR A 149 16.71 -5.70 17.57
C TYR A 149 16.57 -4.93 18.89
N GLN A 150 16.91 -3.64 18.91
CA GLN A 150 16.92 -2.82 20.15
C GLN A 150 15.50 -2.68 20.72
N VAL A 151 14.53 -2.44 19.86
CA VAL A 151 13.10 -2.37 20.27
C VAL A 151 12.66 -3.73 20.81
N ALA A 152 12.98 -4.82 20.09
CA ALA A 152 12.64 -6.20 20.54
C ALA A 152 13.23 -6.41 21.95
N ARG A 153 14.48 -6.01 22.17
CA ARG A 153 15.19 -6.20 23.46
C ARG A 153 14.50 -5.42 24.58
N GLY A 154 14.18 -4.16 24.33
CA GLY A 154 13.38 -3.35 25.27
C GLY A 154 12.08 -4.05 25.60
N MET A 155 11.35 -4.50 24.59
CA MET A 155 10.03 -5.16 24.77
C MET A 155 10.21 -6.49 25.52
N GLU A 156 11.30 -7.23 25.29
CA GLU A 156 11.54 -8.51 25.98
C GLU A 156 11.74 -8.21 27.47
N TYR A 157 12.43 -7.10 27.77
CA TYR A 157 12.67 -6.68 29.16
C TYR A 157 11.33 -6.30 29.81
N LEU A 158 10.55 -5.43 29.17
CA LEU A 158 9.24 -5.00 29.69
C LEU A 158 8.34 -6.23 29.92
N ALA A 159 8.23 -7.13 28.93
CA ALA A 159 7.48 -8.40 29.06
C ALA A 159 7.96 -9.19 30.29
N SER A 160 9.27 -9.28 30.50
CA SER A 160 9.86 -10.06 31.62
C SER A 160 9.40 -9.44 32.94
N LYS A 161 9.01 -8.17 32.94
CA LYS A 161 8.50 -7.45 34.13
C LYS A 161 6.98 -7.36 34.11
N LYS A 162 6.31 -8.13 33.22
CA LYS A 162 4.84 -8.26 33.17
C LYS A 162 4.21 -6.93 32.74
N CYS A 163 4.95 -6.11 31.99
CA CYS A 163 4.45 -4.84 31.44
C CYS A 163 3.93 -5.09 30.03
N ILE A 164 2.64 -4.86 29.79
CA ILE A 164 2.02 -4.85 28.43
C ILE A 164 1.96 -3.39 28.02
N HIS A 165 2.53 -3.06 26.86
CA HIS A 165 2.67 -1.67 26.39
C HIS A 165 1.30 -1.14 26.01
N ARG A 166 0.62 -1.82 25.09
CA ARG A 166 -0.71 -1.51 24.55
C ARG A 166 -0.64 -0.45 23.42
N ASP A 167 0.44 0.32 23.24
CA ASP A 167 0.56 1.23 22.06
C ASP A 167 1.99 1.25 21.53
N LEU A 168 2.55 0.07 21.30
CA LEU A 168 3.89 -0.06 20.70
C LEU A 168 3.76 0.42 19.26
N ALA A 169 4.58 1.40 18.89
CA ALA A 169 4.59 2.04 17.56
C ALA A 169 5.86 2.87 17.51
N ALA A 170 6.36 3.17 16.30
CA ALA A 170 7.60 3.94 16.13
C ALA A 170 7.46 5.27 16.90
N ARG A 171 6.26 5.83 16.96
CA ARG A 171 6.00 7.13 17.66
C ARG A 171 6.32 7.04 19.15
N ASN A 172 6.27 5.84 19.75
CA ASN A 172 6.52 5.61 21.19
C ASN A 172 7.90 5.01 21.42
N VAL A 173 8.77 5.05 20.40
CA VAL A 173 10.20 4.68 20.54
C VAL A 173 11.00 5.95 20.35
N LEU A 174 11.85 6.29 21.30
CA LEU A 174 12.62 7.56 21.23
C LEU A 174 14.06 7.20 20.93
N VAL A 175 14.81 8.11 20.31
CA VAL A 175 16.20 7.82 19.88
C VAL A 175 17.15 8.83 20.54
N THR A 176 18.18 8.33 21.23
CA THR A 176 19.11 9.16 22.02
C THR A 176 20.19 9.74 21.11
N GLU A 177 20.96 10.68 21.64
CA GLU A 177 22.12 11.29 20.93
C GLU A 177 23.01 10.17 20.37
N ASP A 178 23.13 9.04 21.07
CA ASP A 178 24.01 7.91 20.65
C ASP A 178 23.23 6.86 19.82
N ASN A 179 22.07 7.21 19.28
CA ASN A 179 21.27 6.33 18.39
C ASN A 179 20.82 5.06 19.13
N VAL A 180 20.59 5.14 20.45
CA VAL A 180 20.00 4.02 21.22
C VAL A 180 18.47 4.16 21.09
N MET A 181 17.78 3.06 20.78
CA MET A 181 16.30 3.02 20.76
C MET A 181 15.80 2.89 22.20
N LYS A 182 14.82 3.71 22.61
CA LYS A 182 14.21 3.63 23.97
C LYS A 182 12.70 3.63 23.85
N ILE A 183 12.10 2.54 24.33
CA ILE A 183 10.62 2.42 24.47
C ILE A 183 10.16 3.47 25.48
N ALA A 184 9.17 4.27 25.11
CA ALA A 184 8.55 5.32 25.95
C ALA A 184 7.09 4.95 26.20
N ASP A 185 6.48 5.60 27.20
CA ASP A 185 5.03 5.54 27.51
C ASP A 185 4.64 4.10 27.86
N PHE A 186 5.56 3.30 28.38
CA PHE A 186 5.31 1.90 28.84
C PHE A 186 4.68 1.93 30.24
N GLY A 187 4.76 3.07 30.94
CA GLY A 187 4.31 3.21 32.34
C GLY A 187 2.87 3.71 32.49
N LEU A 188 2.21 4.09 31.39
CA LEU A 188 0.92 4.83 31.45
C LEU A 188 -0.18 3.91 31.98
N ILE A 195 -10.36 3.15 24.44
CA ILE A 195 -9.87 4.31 23.65
C ILE A 195 -11.00 4.78 22.71
N ASP A 196 -10.85 5.98 22.15
CA ASP A 196 -11.66 6.49 21.01
C ASP A 196 -10.98 6.06 19.70
N TYR A 197 -11.58 5.09 18.99
CA TYR A 197 -10.99 4.49 17.76
C TYR A 197 -10.80 5.54 16.68
N TYR A 198 -11.52 6.67 16.72
CA TYR A 198 -11.50 7.72 15.65
C TYR A 198 -10.51 8.84 15.98
N LYS A 199 -10.02 8.96 17.22
CA LYS A 199 -9.01 9.98 17.63
C LYS A 199 -7.69 9.70 16.89
N LYS A 200 -7.07 10.74 16.33
CA LYS A 200 -5.81 10.64 15.56
C LYS A 200 -4.66 11.23 16.38
N THR A 201 -3.43 10.86 16.01
CA THR A 201 -2.17 11.36 16.62
C THR A 201 -1.91 12.79 16.12
N THR A 202 -1.06 13.54 16.82
CA THR A 202 -0.40 14.80 16.34
C THR A 202 -0.17 14.72 14.83
N ASN A 203 0.35 13.58 14.35
CA ASN A 203 0.80 13.39 12.94
C ASN A 203 -0.38 13.03 12.04
N GLY A 204 -1.59 12.88 12.58
CA GLY A 204 -2.82 12.61 11.80
C GLY A 204 -3.02 11.13 11.47
N ARG A 205 -2.36 10.21 12.20
CA ARG A 205 -2.51 8.74 11.98
C ARG A 205 -3.43 8.14 13.05
N LEU A 206 -4.03 6.98 12.75
CA LEU A 206 -5.02 6.27 13.61
C LEU A 206 -4.32 5.16 14.37
N PRO A 207 -4.20 5.26 15.71
CA PRO A 207 -3.57 4.22 16.52
C PRO A 207 -4.19 2.82 16.40
N VAL A 208 -5.47 2.72 16.02
CA VAL A 208 -6.12 1.38 15.83
C VAL A 208 -5.30 0.58 14.81
N LYS A 209 -4.52 1.22 13.94
CA LYS A 209 -3.77 0.51 12.86
C LYS A 209 -2.59 -0.28 13.42
N TRP A 210 -2.28 -0.16 14.72
CA TRP A 210 -1.19 -0.93 15.37
C TRP A 210 -1.78 -2.05 16.26
N MET A 211 -3.09 -2.12 16.40
CA MET A 211 -3.75 -2.96 17.43
C MET A 211 -4.04 -4.36 16.89
N ALA A 212 -3.72 -5.38 17.68
CA ALA A 212 -4.08 -6.77 17.36
C ALA A 212 -5.60 -6.88 17.24
N PRO A 213 -6.11 -7.77 16.37
CA PRO A 213 -7.56 -7.93 16.23
C PRO A 213 -8.22 -8.27 17.57
N GLU A 214 -7.59 -9.08 18.42
CA GLU A 214 -8.19 -9.49 19.71
C GLU A 214 -8.25 -8.27 20.65
N ALA A 215 -7.29 -7.34 20.53
CA ALA A 215 -7.28 -6.08 21.32
C ALA A 215 -8.41 -5.17 20.81
N LEU A 216 -8.52 -5.06 19.50
CA LEU A 216 -9.47 -4.16 18.78
C LEU A 216 -10.91 -4.65 18.97
N PHE A 217 -11.19 -5.93 18.75
CA PHE A 217 -12.58 -6.48 18.79
C PHE A 217 -12.96 -6.97 20.19
N ASP A 218 -12.04 -7.58 20.95
CA ASP A 218 -12.38 -8.29 22.22
C ASP A 218 -11.77 -7.58 23.44
N ARG A 219 -11.04 -6.48 23.26
CA ARG A 219 -10.47 -5.68 24.39
C ARG A 219 -9.40 -6.51 25.11
N ILE A 220 -8.86 -7.54 24.47
CA ILE A 220 -7.87 -8.45 25.10
C ILE A 220 -6.46 -7.99 24.72
N TYR A 221 -5.69 -7.54 25.71
CA TYR A 221 -4.30 -7.05 25.53
C TYR A 221 -3.37 -8.01 26.26
N THR A 222 -2.43 -8.59 25.54
CA THR A 222 -1.45 -9.54 26.11
C THR A 222 -0.09 -9.13 25.57
N HIS A 223 0.99 -9.81 25.99
CA HIS A 223 2.30 -9.69 25.32
C HIS A 223 2.13 -10.10 23.85
N GLN A 224 1.21 -11.03 23.53
CA GLN A 224 0.97 -11.50 22.12
C GLN A 224 0.41 -10.34 21.28
N SER A 225 -0.47 -9.50 21.86
CA SER A 225 -1.03 -8.33 21.12
C SER A 225 0.07 -7.28 20.93
N ASP A 226 1.03 -7.16 21.85
CA ASP A 226 2.20 -6.24 21.67
C ASP A 226 3.10 -6.78 20.54
N VAL A 227 3.21 -8.11 20.37
CA VAL A 227 4.03 -8.71 19.28
C VAL A 227 3.39 -8.33 17.93
N TRP A 228 2.07 -8.37 17.84
CA TRP A 228 1.34 -7.90 16.63
C TRP A 228 1.75 -6.44 16.33
N SER A 229 1.71 -5.57 17.34
CA SER A 229 2.08 -4.14 17.22
C SER A 229 3.53 -4.04 16.76
N PHE A 230 4.38 -4.94 17.27
CA PHE A 230 5.81 -4.97 16.91
C PHE A 230 5.97 -5.30 15.41
N GLY A 231 5.14 -6.20 14.89
CA GLY A 231 5.05 -6.44 13.45
C GLY A 231 4.83 -5.16 12.66
N VAL A 232 3.86 -4.35 13.06
CA VAL A 232 3.53 -3.05 12.41
C VAL A 232 4.76 -2.14 12.55
N LEU A 233 5.43 -2.16 13.70
CA LEU A 233 6.64 -1.31 13.95
C LEU A 233 7.77 -1.74 13.03
N LEU A 234 7.98 -3.04 12.82
CA LEU A 234 8.97 -3.54 11.84
C LEU A 234 8.67 -2.95 10.45
N TRP A 235 7.41 -2.97 10.04
CA TRP A 235 6.93 -2.40 8.76
C TRP A 235 7.25 -0.89 8.69
N GLU A 236 7.04 -0.17 9.79
CA GLU A 236 7.42 1.27 9.93
C GLU A 236 8.92 1.45 9.71
N ILE A 237 9.75 0.60 10.33
CA ILE A 237 11.23 0.66 10.20
C ILE A 237 11.60 0.47 8.72
N PHE A 238 11.12 -0.61 8.08
CA PHE A 238 11.57 -0.98 6.71
C PHE A 238 10.95 -0.05 5.67
N THR A 239 9.90 0.73 5.98
CA THR A 239 9.38 1.79 5.09
C THR A 239 10.01 3.16 5.46
N LEU A 240 10.98 3.21 6.37
CA LEU A 240 11.63 4.45 6.87
C LEU A 240 10.57 5.44 7.35
N GLY A 241 9.68 4.98 8.21
CA GLY A 241 8.66 5.84 8.84
C GLY A 241 7.43 5.94 7.99
N GLY A 242 7.12 4.89 7.23
CA GLY A 242 5.91 4.85 6.40
C GLY A 242 4.68 4.81 7.26
N SER A 243 3.56 5.27 6.71
CA SER A 243 2.24 5.34 7.37
C SER A 243 1.46 4.08 7.02
N PRO A 244 1.16 3.18 7.98
CA PRO A 244 0.36 2.00 7.67
C PRO A 244 -1.06 2.32 7.19
N TYR A 245 -1.52 1.63 6.14
CA TYR A 245 -2.88 1.75 5.58
C TYR A 245 -3.19 3.23 5.31
N PRO A 246 -2.41 3.94 4.48
CA PRO A 246 -2.71 5.34 4.22
C PRO A 246 -4.07 5.47 3.52
N GLY A 247 -4.91 6.38 4.01
CA GLY A 247 -6.23 6.70 3.42
C GLY A 247 -7.32 5.74 3.88
N VAL A 248 -7.00 4.81 4.78
CA VAL A 248 -7.98 3.78 5.24
C VAL A 248 -8.64 4.29 6.52
N PRO A 249 -9.96 4.54 6.51
CA PRO A 249 -10.68 4.93 7.73
C PRO A 249 -10.95 3.70 8.60
N VAL A 250 -11.34 3.95 9.86
CA VAL A 250 -11.51 2.89 10.91
C VAL A 250 -12.42 1.77 10.41
N GLU A 251 -13.57 2.09 9.80
CA GLU A 251 -14.59 1.08 9.41
C GLU A 251 -14.00 0.15 8.35
N GLU A 252 -13.19 0.69 7.43
CA GLU A 252 -12.54 -0.09 6.34
C GLU A 252 -11.40 -0.91 6.93
N LEU A 253 -10.71 -0.40 7.95
CA LEU A 253 -9.64 -1.19 8.60
C LEU A 253 -10.25 -2.46 9.22
N PHE A 254 -11.36 -2.31 9.95
CA PHE A 254 -12.09 -3.43 10.59
C PHE A 254 -12.41 -4.50 9.54
N LYS A 255 -12.92 -4.09 8.39
CA LYS A 255 -13.25 -5.02 7.29
C LYS A 255 -11.96 -5.69 6.81
N LEU A 256 -10.86 -4.94 6.61
CA LEU A 256 -9.57 -5.54 6.19
C LEU A 256 -9.12 -6.64 7.17
N LEU A 257 -9.18 -6.35 8.48
CA LEU A 257 -8.77 -7.32 9.54
C LEU A 257 -9.68 -8.56 9.50
N LYS A 258 -10.99 -8.39 9.39
CA LYS A 258 -11.96 -9.53 9.34
C LYS A 258 -11.63 -10.40 8.12
N GLU A 259 -11.22 -9.79 7.00
CA GLU A 259 -10.88 -10.51 5.75
C GLU A 259 -9.50 -11.17 5.87
N GLY A 260 -8.76 -10.89 6.94
CA GLY A 260 -7.38 -11.43 7.08
C GLY A 260 -6.39 -10.71 6.17
N HIS A 261 -6.67 -9.48 5.77
CA HIS A 261 -5.71 -8.67 4.97
C HIS A 261 -4.39 -8.51 5.76
N ARG A 262 -3.27 -8.49 5.05
CA ARG A 262 -1.92 -8.18 5.61
C ARG A 262 -1.21 -7.18 4.70
N MET A 263 -0.50 -6.23 5.30
CA MET A 263 0.19 -5.14 4.58
C MET A 263 1.24 -5.74 3.65
N ASP A 264 1.45 -5.10 2.50
CA ASP A 264 2.42 -5.50 1.45
C ASP A 264 3.83 -5.50 2.05
N LYS A 265 4.72 -6.33 1.50
CA LYS A 265 6.16 -6.32 1.81
C LYS A 265 6.77 -5.00 1.37
N PRO A 266 7.45 -4.26 2.26
CA PRO A 266 8.21 -3.08 1.83
C PRO A 266 9.33 -3.43 0.85
N SER A 267 9.68 -2.54 -0.07
CA SER A 267 10.89 -2.70 -0.93
C SER A 267 12.10 -2.58 0.00
N ASN A 268 13.25 -3.12 -0.36
CA ASN A 268 14.42 -2.98 0.55
C ASN A 268 13.99 -3.54 1.92
N CYS A 269 13.46 -4.75 1.89
CA CYS A 269 13.13 -5.61 3.04
C CYS A 269 13.29 -7.07 2.55
N THR A 270 14.05 -7.90 3.26
CA THR A 270 14.31 -9.31 2.87
C THR A 270 13.02 -10.12 3.02
N ASN A 271 12.93 -11.26 2.34
CA ASN A 271 11.81 -12.22 2.52
C ASN A 271 11.74 -12.65 3.99
N GLU A 272 12.90 -12.80 4.63
CA GLU A 272 13.04 -13.28 6.02
C GLU A 272 12.39 -12.28 6.99
N LEU A 273 12.62 -10.98 6.80
CA LEU A 273 12.04 -9.95 7.70
C LEU A 273 10.55 -9.81 7.41
N TYR A 274 10.10 -9.95 6.16
CA TYR A 274 8.67 -9.89 5.84
C TYR A 274 7.96 -11.08 6.50
N MET A 275 8.55 -12.27 6.48
CA MET A 275 7.96 -13.46 7.11
C MET A 275 7.93 -13.28 8.64
N MET A 276 8.90 -12.59 9.21
CA MET A 276 8.89 -12.20 10.66
C MET A 276 7.67 -11.30 10.93
N MET A 277 7.44 -10.29 10.09
CA MET A 277 6.23 -9.42 10.20
C MET A 277 4.98 -10.27 10.12
N ARG A 278 4.87 -11.13 9.10
CA ARG A 278 3.68 -11.99 8.93
C ARG A 278 3.49 -12.88 10.17
N ASP A 279 4.55 -13.42 10.74
CA ASP A 279 4.48 -14.28 11.96
C ASP A 279 3.99 -13.49 13.17
N CYS A 280 4.46 -12.23 13.32
CA CYS A 280 3.94 -11.28 14.33
C CYS A 280 2.44 -11.05 14.11
N TRP A 281 1.99 -11.10 12.86
CA TRP A 281 0.58 -10.85 12.50
C TRP A 281 -0.22 -12.15 12.41
N HIS A 282 0.22 -13.22 13.08
CA HIS A 282 -0.59 -14.48 13.12
C HIS A 282 -1.99 -14.16 13.65
N ALA A 283 -3.04 -14.62 12.97
CA ALA A 283 -4.43 -14.52 13.45
C ALA A 283 -4.55 -15.14 14.85
N VAL A 284 -3.79 -16.19 15.15
CA VAL A 284 -3.91 -16.90 16.45
C VAL A 284 -2.83 -16.39 17.40
N PRO A 285 -3.18 -15.65 18.48
CA PRO A 285 -2.17 -15.06 19.38
C PRO A 285 -1.09 -16.04 19.86
N SER A 286 -1.48 -17.29 20.18
CA SER A 286 -0.58 -18.35 20.70
C SER A 286 0.49 -18.70 19.68
N GLN A 287 0.24 -18.49 18.39
CA GLN A 287 1.13 -18.93 17.31
C GLN A 287 2.11 -17.81 16.94
N ARG A 288 1.94 -16.59 17.45
CA ARG A 288 2.92 -15.51 17.17
C ARG A 288 4.22 -15.85 17.87
N PRO A 289 5.38 -15.39 17.36
CA PRO A 289 6.62 -15.49 18.13
C PRO A 289 6.53 -14.67 19.42
N THR A 290 7.33 -15.01 20.40
CA THR A 290 7.52 -14.18 21.62
C THR A 290 8.59 -13.13 21.35
N PHE A 291 8.69 -12.12 22.22
CA PHE A 291 9.80 -11.12 22.15
C PHE A 291 11.11 -11.85 22.39
N LYS A 292 11.13 -12.88 23.24
CA LYS A 292 12.37 -13.69 23.43
C LYS A 292 12.85 -14.28 22.10
N GLN A 293 11.94 -14.90 21.34
CA GLN A 293 12.20 -15.46 19.99
CA GLN A 293 12.25 -15.47 20.01
C GLN A 293 12.68 -14.34 19.05
N LEU A 294 11.96 -13.22 19.01
CA LEU A 294 12.25 -12.09 18.07
C LEU A 294 13.65 -11.56 18.36
N VAL A 295 14.03 -11.46 19.63
CA VAL A 295 15.39 -10.97 20.01
C VAL A 295 16.47 -11.90 19.45
N GLU A 296 16.33 -13.22 19.66
CA GLU A 296 17.32 -14.21 19.18
C GLU A 296 17.41 -14.16 17.64
N ASP A 297 16.28 -14.10 16.95
CA ASP A 297 16.23 -14.13 15.47
C ASP A 297 16.84 -12.82 14.94
N LEU A 298 16.49 -11.68 15.54
CA LEU A 298 17.03 -10.37 15.11
C LEU A 298 18.51 -10.27 15.43
N ASP A 299 18.97 -10.85 16.54
CA ASP A 299 20.41 -10.90 16.89
C ASP A 299 21.19 -11.55 15.73
N ARG A 300 20.74 -12.73 15.29
CA ARG A 300 21.32 -13.52 14.16
C ARG A 300 21.26 -12.69 12.87
N ILE A 301 20.13 -12.06 12.57
CA ILE A 301 19.91 -11.33 11.29
C ILE A 301 20.82 -10.10 11.28
N VAL A 302 20.95 -9.38 12.41
CA VAL A 302 21.89 -8.21 12.49
C VAL A 302 23.28 -8.65 12.04
N ALA A 303 23.84 -9.69 12.68
CA ALA A 303 25.18 -10.24 12.39
C ALA A 303 25.37 -10.46 10.88
N LEU A 304 24.35 -10.98 10.18
CA LEU A 304 24.44 -11.42 8.76
C LEU A 304 24.05 -10.32 7.78
N THR A 305 23.57 -9.16 8.25
CA THR A 305 23.02 -8.10 7.38
C THR A 305 24.13 -7.11 7.03
N SER A 306 24.27 -6.76 5.75
CA SER A 306 25.28 -5.82 5.20
C SER A 306 25.11 -4.41 5.80
N ASN A 307 26.21 -3.80 6.23
CA ASN A 307 26.29 -2.35 6.50
C ASN A 307 26.88 -1.60 5.29
N GLN A 308 27.04 -2.26 4.13
CA GLN A 308 27.72 -1.67 2.94
C GLN A 308 26.74 -0.88 2.08
N GLU A 309 25.44 -1.14 2.22
CA GLU A 309 24.38 -0.25 1.67
C GLU A 309 23.15 -0.28 2.58
N VAL B 4 -32.92 4.20 -38.00
CA VAL B 4 -33.32 3.18 -39.02
C VAL B 4 -32.99 1.78 -38.48
N SER B 5 -31.93 1.69 -37.66
CA SER B 5 -31.40 0.45 -37.05
C SER B 5 -32.39 -0.15 -36.04
N GLU B 6 -33.48 0.56 -35.72
CA GLU B 6 -34.65 0.00 -34.97
C GLU B 6 -35.25 -1.18 -35.73
N TYR B 7 -35.30 -1.12 -37.08
CA TYR B 7 -35.92 -2.17 -37.94
C TYR B 7 -34.89 -2.93 -38.76
N GLU B 8 -33.84 -2.28 -39.26
CA GLU B 8 -32.74 -3.00 -39.94
C GLU B 8 -31.46 -2.16 -39.87
N LEU B 9 -30.33 -2.85 -39.68
CA LEU B 9 -29.00 -2.22 -39.62
C LEU B 9 -28.49 -2.00 -41.05
N PRO B 10 -27.74 -0.91 -41.30
CA PRO B 10 -26.99 -0.79 -42.56
C PRO B 10 -26.12 -2.05 -42.75
N GLU B 11 -25.95 -2.51 -43.99
CA GLU B 11 -25.07 -3.64 -44.37
C GLU B 11 -23.60 -3.19 -44.45
N ASP B 12 -22.65 -4.07 -44.13
CA ASP B 12 -21.21 -3.92 -44.48
C ASP B 12 -20.71 -5.29 -44.93
N PRO B 13 -20.87 -5.62 -46.24
CA PRO B 13 -20.59 -6.96 -46.75
C PRO B 13 -19.16 -7.48 -46.46
N ARG B 14 -18.18 -6.58 -46.38
CA ARG B 14 -16.75 -6.92 -46.12
C ARG B 14 -16.60 -7.59 -44.75
N TRP B 15 -17.49 -7.29 -43.79
CA TRP B 15 -17.40 -7.81 -42.39
C TRP B 15 -18.46 -8.89 -42.11
N GLU B 16 -19.44 -9.08 -42.99
CA GLU B 16 -20.64 -9.87 -42.64
C GLU B 16 -20.32 -11.35 -42.68
N LEU B 17 -20.70 -12.07 -41.63
CA LEU B 17 -20.65 -13.56 -41.57
C LEU B 17 -22.09 -14.07 -41.54
N PRO B 18 -22.47 -15.03 -42.42
CA PRO B 18 -23.72 -15.76 -42.26
C PRO B 18 -23.88 -16.44 -40.89
N ARG B 19 -25.08 -16.34 -40.32
CA ARG B 19 -25.42 -16.86 -38.98
C ARG B 19 -25.21 -18.37 -38.93
N ASP B 20 -25.36 -19.05 -40.08
CA ASP B 20 -25.21 -20.52 -40.19
C ASP B 20 -23.74 -20.89 -39.95
N ARG B 21 -22.82 -19.92 -40.06
CA ARG B 21 -21.36 -20.15 -39.88
C ARG B 21 -20.92 -19.69 -38.49
N LEU B 22 -21.87 -19.40 -37.58
CA LEU B 22 -21.56 -19.04 -36.17
C LEU B 22 -22.34 -19.97 -35.24
N VAL B 23 -21.63 -20.69 -34.37
CA VAL B 23 -22.20 -21.57 -33.32
C VAL B 23 -21.90 -20.98 -31.94
N LEU B 24 -22.92 -20.40 -31.30
CA LEU B 24 -22.80 -19.71 -29.98
C LEU B 24 -22.57 -20.76 -28.89
N GLY B 25 -21.79 -20.41 -27.86
CA GLY B 25 -21.39 -21.33 -26.78
C GLY B 25 -21.63 -20.70 -25.42
N LYS B 26 -20.79 -21.03 -24.44
CA LYS B 26 -20.95 -20.63 -23.02
C LYS B 26 -20.71 -19.12 -22.88
N PRO B 27 -21.42 -18.43 -21.95
CA PRO B 27 -21.12 -17.04 -21.60
C PRO B 27 -19.68 -16.85 -21.09
N LEU B 28 -19.02 -15.77 -21.49
CA LEU B 28 -17.69 -15.37 -20.97
C LEU B 28 -17.82 -14.22 -20.00
N GLY B 29 -18.97 -13.52 -19.99
CA GLY B 29 -19.15 -12.31 -19.16
C GLY B 29 -20.30 -11.45 -19.64
N GLU B 30 -20.68 -10.46 -18.84
CA GLU B 30 -21.80 -9.54 -19.16
C GLU B 30 -21.60 -8.22 -18.40
N GLY B 31 -22.03 -7.13 -19.02
CA GLY B 31 -22.22 -5.80 -18.39
C GLY B 31 -23.70 -5.55 -18.15
N ALA B 32 -24.11 -4.28 -18.11
CA ALA B 32 -25.51 -3.89 -17.76
C ALA B 32 -26.48 -4.42 -18.83
N PHE B 33 -26.22 -4.14 -20.12
CA PHE B 33 -27.16 -4.47 -21.22
C PHE B 33 -26.46 -5.19 -22.39
N GLY B 34 -25.22 -5.64 -22.19
CA GLY B 34 -24.42 -6.42 -23.15
C GLY B 34 -23.90 -7.71 -22.51
N GLN B 35 -23.59 -8.71 -23.35
CA GLN B 35 -22.95 -9.97 -22.91
C GLN B 35 -21.95 -10.43 -23.98
N VAL B 36 -21.01 -11.26 -23.53
CA VAL B 36 -19.97 -11.86 -24.40
C VAL B 36 -20.09 -13.37 -24.24
N VAL B 37 -20.14 -14.09 -25.35
CA VAL B 37 -20.25 -15.56 -25.39
C VAL B 37 -19.09 -16.12 -26.20
N LEU B 38 -18.54 -17.23 -25.73
CA LEU B 38 -17.62 -18.08 -26.52
C LEU B 38 -18.43 -18.63 -27.68
N ALA B 39 -17.85 -18.66 -28.88
CA ALA B 39 -18.47 -19.22 -30.09
C ALA B 39 -17.41 -19.85 -31.00
N GLU B 40 -17.89 -20.60 -31.99
CA GLU B 40 -17.08 -21.22 -33.06
C GLU B 40 -17.57 -20.61 -34.37
N ALA B 41 -16.65 -20.01 -35.10
CA ALA B 41 -16.91 -19.38 -36.41
C ALA B 41 -16.33 -20.29 -37.49
N ILE B 42 -17.16 -20.70 -38.46
CA ILE B 42 -16.75 -21.56 -39.62
C ILE B 42 -16.45 -20.63 -40.80
N GLY B 43 -15.20 -20.61 -41.26
CA GLY B 43 -14.81 -19.92 -42.51
C GLY B 43 -14.90 -18.42 -42.37
N LEU B 44 -14.29 -17.85 -41.33
CA LEU B 44 -14.07 -16.37 -41.21
C LEU B 44 -13.33 -15.88 -42.46
N ASP B 45 -12.27 -16.59 -42.86
CA ASP B 45 -11.44 -16.31 -44.07
C ASP B 45 -12.03 -17.09 -45.24
N LYS B 46 -12.47 -16.38 -46.29
CA LYS B 46 -13.10 -16.97 -47.52
C LYS B 46 -12.11 -17.93 -48.19
N ASP B 47 -10.80 -17.69 -47.97
CA ASP B 47 -9.68 -18.61 -48.34
C ASP B 47 -9.90 -20.01 -47.75
N LYS B 48 -10.27 -20.11 -46.46
CA LYS B 48 -10.40 -21.40 -45.71
C LYS B 48 -11.84 -21.57 -45.21
N PRO B 49 -12.83 -21.83 -46.09
CA PRO B 49 -14.24 -21.81 -45.71
C PRO B 49 -14.71 -22.82 -44.65
N ASN B 50 -13.91 -23.86 -44.36
CA ASN B 50 -14.26 -24.92 -43.38
C ASN B 50 -13.35 -24.84 -42.13
N ARG B 51 -12.43 -23.87 -42.07
CA ARG B 51 -11.62 -23.59 -40.85
C ARG B 51 -12.57 -23.12 -39.73
N VAL B 52 -12.42 -23.69 -38.52
CA VAL B 52 -13.26 -23.39 -37.32
C VAL B 52 -12.39 -22.60 -36.32
N THR B 53 -12.73 -21.33 -36.10
CA THR B 53 -12.03 -20.44 -35.13
C THR B 53 -12.88 -20.29 -33.87
N LYS B 54 -12.27 -20.44 -32.69
CA LYS B 54 -12.88 -20.03 -31.41
C LYS B 54 -12.86 -18.50 -31.38
N VAL B 55 -14.02 -17.88 -31.14
CA VAL B 55 -14.15 -16.39 -31.14
C VAL B 55 -14.95 -15.98 -29.90
N ALA B 56 -14.89 -14.69 -29.56
CA ALA B 56 -15.79 -14.04 -28.58
C ALA B 56 -16.84 -13.26 -29.34
N VAL B 57 -18.10 -13.38 -28.92
CA VAL B 57 -19.21 -12.67 -29.60
C VAL B 57 -19.87 -11.73 -28.60
N LYS B 58 -19.87 -10.44 -28.94
CA LYS B 58 -20.55 -9.42 -28.13
C LYS B 58 -21.94 -9.18 -28.73
N MET B 59 -22.95 -9.06 -27.86
CA MET B 59 -24.36 -8.92 -28.26
C MET B 59 -25.11 -8.19 -27.17
N LEU B 60 -26.30 -7.72 -27.47
CA LEU B 60 -27.19 -7.09 -26.48
C LEU B 60 -27.79 -8.18 -25.59
N LYS B 61 -28.15 -7.80 -24.37
CA LYS B 61 -29.05 -8.63 -23.55
C LYS B 61 -30.49 -8.31 -23.96
N SER B 62 -31.44 -9.13 -23.50
CA SER B 62 -32.87 -9.08 -23.92
C SER B 62 -33.54 -7.84 -23.35
N ASP B 63 -32.96 -7.20 -22.33
CA ASP B 63 -33.52 -5.95 -21.74
C ASP B 63 -32.84 -4.70 -22.33
N ALA B 64 -32.05 -4.81 -23.40
CA ALA B 64 -31.34 -3.64 -24.01
C ALA B 64 -32.35 -2.73 -24.72
N THR B 65 -32.02 -1.43 -24.81
CA THR B 65 -32.80 -0.37 -25.50
C THR B 65 -32.12 0.01 -26.83
N GLU B 66 -32.77 0.88 -27.61
CA GLU B 66 -32.22 1.46 -28.86
C GLU B 66 -30.88 2.16 -28.57
N LYS B 67 -30.75 2.79 -27.40
CA LYS B 67 -29.51 3.43 -26.90
C LYS B 67 -28.38 2.40 -26.80
N ASP B 68 -28.66 1.19 -26.28
CA ASP B 68 -27.64 0.12 -26.09
C ASP B 68 -27.21 -0.39 -27.48
N LEU B 69 -28.14 -0.57 -28.41
CA LEU B 69 -27.84 -0.99 -29.80
C LEU B 69 -26.90 0.04 -30.45
N SER B 70 -27.23 1.33 -30.34
CA SER B 70 -26.40 2.43 -30.89
C SER B 70 -24.97 2.37 -30.31
N ASP B 71 -24.81 2.05 -29.02
CA ASP B 71 -23.48 1.91 -28.35
C ASP B 71 -22.73 0.70 -28.91
N LEU B 72 -23.40 -0.44 -29.11
CA LEU B 72 -22.71 -1.65 -29.63
C LEU B 72 -22.28 -1.41 -31.08
N ILE B 73 -23.11 -0.75 -31.88
CA ILE B 73 -22.79 -0.42 -33.30
C ILE B 73 -21.57 0.52 -33.31
N SER B 74 -21.56 1.55 -32.46
CA SER B 74 -20.45 2.53 -32.40
C SER B 74 -19.15 1.82 -32.06
N GLU B 75 -19.19 0.87 -31.13
CA GLU B 75 -18.00 0.07 -30.72
C GLU B 75 -17.47 -0.69 -31.94
N MET B 76 -18.34 -1.44 -32.63
CA MET B 76 -17.99 -2.19 -33.85
C MET B 76 -17.41 -1.21 -34.88
N GLU B 77 -18.04 -0.06 -35.08
CA GLU B 77 -17.59 0.92 -36.11
C GLU B 77 -16.23 1.49 -35.70
N MET B 78 -16.03 1.82 -34.43
CA MET B 78 -14.72 2.32 -33.91
C MET B 78 -13.64 1.26 -34.15
N MET B 79 -13.95 -0.02 -33.93
CA MET B 79 -13.00 -1.13 -34.19
C MET B 79 -12.60 -1.15 -35.66
N LYS B 80 -13.55 -0.94 -36.59
CA LYS B 80 -13.22 -0.90 -38.05
C LYS B 80 -12.25 0.26 -38.33
N MET B 81 -12.53 1.44 -37.79
CA MET B 81 -11.73 2.67 -38.03
C MET B 81 -10.30 2.47 -37.48
N ILE B 82 -10.16 1.76 -36.37
CA ILE B 82 -8.88 1.64 -35.62
C ILE B 82 -7.98 0.66 -36.35
N GLY B 83 -8.54 -0.41 -36.89
CA GLY B 83 -7.77 -1.42 -37.63
C GLY B 83 -7.07 -2.38 -36.70
N LYS B 84 -6.24 -3.26 -37.27
CA LYS B 84 -5.67 -4.48 -36.64
C LYS B 84 -4.35 -4.15 -35.96
N HIS B 85 -4.13 -4.72 -34.78
CA HIS B 85 -2.81 -4.72 -34.12
C HIS B 85 -2.73 -5.95 -33.22
N LYS B 86 -1.53 -6.54 -33.12
CA LYS B 86 -1.27 -7.78 -32.37
C LYS B 86 -1.72 -7.62 -30.91
N ASN B 87 -1.64 -6.41 -30.34
CA ASN B 87 -1.76 -6.19 -28.88
C ASN B 87 -3.09 -5.48 -28.55
N ILE B 88 -4.09 -5.64 -29.42
CA ILE B 88 -5.49 -5.23 -29.14
C ILE B 88 -6.37 -6.42 -29.51
N ILE B 89 -7.54 -6.53 -28.88
CA ILE B 89 -8.63 -7.43 -29.33
C ILE B 89 -9.13 -6.94 -30.69
N ASN B 90 -8.99 -7.78 -31.73
CA ASN B 90 -9.34 -7.40 -33.12
C ASN B 90 -10.76 -7.85 -33.46
N LEU B 91 -11.45 -7.02 -34.26
CA LEU B 91 -12.72 -7.34 -34.95
C LEU B 91 -12.46 -8.38 -36.05
N LEU B 92 -13.24 -9.47 -36.05
CA LEU B 92 -13.12 -10.58 -37.02
C LEU B 92 -14.34 -10.62 -37.94
N GLY B 93 -15.48 -10.10 -37.48
CA GLY B 93 -16.72 -10.17 -38.27
C GLY B 93 -17.92 -9.72 -37.48
N ALA B 94 -19.09 -9.78 -38.11
CA ALA B 94 -20.36 -9.31 -37.53
C ALA B 94 -21.54 -10.01 -38.20
N CYS B 95 -22.57 -10.33 -37.43
CA CYS B 95 -23.93 -10.61 -37.94
C CYS B 95 -24.81 -9.41 -37.63
N THR B 96 -25.19 -8.64 -38.65
CA THR B 96 -25.92 -7.36 -38.49
C THR B 96 -27.33 -7.49 -39.08
N GLN B 97 -27.56 -8.47 -39.95
CA GLN B 97 -28.80 -8.59 -40.77
C GLN B 97 -29.69 -9.71 -40.24
N ASP B 98 -31.00 -9.57 -40.35
CA ASP B 98 -31.97 -10.69 -40.11
C ASP B 98 -31.72 -11.26 -38.72
N GLY B 99 -31.73 -10.42 -37.68
CA GLY B 99 -31.65 -10.88 -36.29
C GLY B 99 -30.64 -10.08 -35.49
N PRO B 100 -30.41 -10.45 -34.21
CA PRO B 100 -29.67 -9.61 -33.28
C PRO B 100 -28.22 -9.36 -33.74
N LEU B 101 -27.69 -8.20 -33.36
CA LEU B 101 -26.31 -7.79 -33.71
C LEU B 101 -25.31 -8.66 -32.95
N TYR B 102 -24.45 -9.36 -33.69
CA TYR B 102 -23.31 -10.12 -33.13
C TYR B 102 -22.02 -9.44 -33.60
N VAL B 103 -21.20 -8.99 -32.66
CA VAL B 103 -19.86 -8.40 -32.95
C VAL B 103 -18.82 -9.44 -32.58
N ILE B 104 -18.14 -9.97 -33.60
CA ILE B 104 -17.28 -11.17 -33.44
C ILE B 104 -15.85 -10.67 -33.32
N VAL B 105 -15.20 -10.98 -32.20
CA VAL B 105 -13.83 -10.48 -31.90
C VAL B 105 -12.97 -11.65 -31.46
N GLU B 106 -11.67 -11.41 -31.35
CA GLU B 106 -10.66 -12.42 -30.95
C GLU B 106 -10.97 -12.93 -29.54
N TYR B 107 -10.79 -14.22 -29.33
CA TYR B 107 -10.97 -14.89 -28.01
C TYR B 107 -9.60 -15.02 -27.33
N ALA B 108 -9.54 -14.71 -26.04
CA ALA B 108 -8.31 -14.75 -25.22
C ALA B 108 -8.50 -15.78 -24.12
N SER B 109 -7.95 -16.97 -24.31
CA SER B 109 -8.25 -18.20 -23.50
C SER B 109 -7.77 -18.04 -22.06
N LYS B 110 -6.77 -17.21 -21.80
CA LYS B 110 -6.11 -17.18 -20.47
C LYS B 110 -6.65 -16.03 -19.60
N GLY B 111 -7.80 -15.45 -19.98
CA GLY B 111 -8.57 -14.50 -19.16
C GLY B 111 -7.91 -13.12 -19.12
N ASN B 112 -8.19 -12.32 -18.10
CA ASN B 112 -7.64 -10.94 -18.01
C ASN B 112 -6.29 -11.01 -17.33
N LEU B 113 -5.50 -9.97 -17.48
CA LEU B 113 -4.09 -9.93 -16.99
C LEU B 113 -4.05 -10.03 -15.46
N ARG B 114 -5.02 -9.49 -14.73
CA ARG B 114 -5.02 -9.59 -13.24
C ARG B 114 -5.06 -11.08 -12.86
N GLU B 115 -6.03 -11.79 -13.42
CA GLU B 115 -6.25 -13.25 -13.19
C GLU B 115 -4.99 -14.01 -13.60
N TYR B 116 -4.43 -13.67 -14.76
CA TYR B 116 -3.21 -14.32 -15.35
C TYR B 116 -2.03 -14.19 -14.38
N LEU B 117 -1.79 -13.00 -13.84
CA LEU B 117 -0.68 -12.75 -12.87
C LEU B 117 -0.96 -13.50 -11.57
N GLN B 118 -2.19 -13.43 -11.07
CA GLN B 118 -2.57 -13.93 -9.74
C GLN B 118 -2.40 -15.46 -9.71
N ALA B 119 -2.73 -16.13 -10.82
CA ALA B 119 -2.66 -17.61 -10.94
C ALA B 119 -1.21 -18.04 -11.05
N ARG B 120 -0.26 -17.14 -11.37
CA ARG B 120 1.14 -17.53 -11.64
C ARG B 120 2.09 -16.93 -10.59
N ARG B 121 1.59 -16.67 -9.38
CA ARG B 121 2.45 -16.30 -8.22
C ARG B 121 3.11 -17.57 -7.67
N PRO B 122 4.43 -17.59 -7.37
CA PRO B 122 5.03 -18.66 -6.55
C PRO B 122 4.09 -19.22 -5.47
N GLU B 137 3.00 -23.11 -14.84
CA GLU B 137 3.50 -21.83 -15.41
C GLU B 137 3.90 -20.88 -14.28
N GLN B 138 4.93 -20.07 -14.50
CA GLN B 138 5.41 -19.02 -13.57
C GLN B 138 6.08 -17.93 -14.40
N LEU B 139 6.21 -16.73 -13.85
CA LEU B 139 6.66 -15.56 -14.65
C LEU B 139 8.03 -15.11 -14.16
N SER B 140 8.97 -14.95 -15.09
CA SER B 140 10.29 -14.32 -14.91
C SER B 140 10.12 -12.80 -14.82
N SER B 141 11.13 -12.11 -14.30
CA SER B 141 11.25 -10.63 -14.36
C SER B 141 11.10 -10.18 -15.82
N LYS B 142 11.71 -10.90 -16.77
CA LYS B 142 11.64 -10.58 -18.21
C LYS B 142 10.18 -10.68 -18.68
N ASP B 143 9.48 -11.76 -18.27
CA ASP B 143 8.04 -12.01 -18.61
C ASP B 143 7.20 -10.80 -18.19
N LEU B 144 7.43 -10.26 -16.99
CA LEU B 144 6.64 -9.14 -16.44
C LEU B 144 6.94 -7.86 -17.23
N VAL B 145 8.20 -7.57 -17.52
CA VAL B 145 8.51 -6.35 -18.31
C VAL B 145 7.91 -6.54 -19.71
N SER B 146 7.92 -7.77 -20.23
CA SER B 146 7.40 -8.12 -21.57
C SER B 146 5.89 -7.83 -21.63
N CYS B 147 5.17 -8.24 -20.59
N CYS B 147 5.14 -8.24 -20.60
CA CYS B 147 3.74 -7.91 -20.37
CA CYS B 147 3.72 -7.87 -20.41
C CYS B 147 3.55 -6.39 -20.50
C CYS B 147 3.57 -6.37 -20.55
N ALA B 148 4.33 -5.60 -19.75
CA ALA B 148 4.30 -4.12 -19.75
C ALA B 148 4.61 -3.57 -21.15
N TYR B 149 5.65 -4.09 -21.82
CA TYR B 149 6.01 -3.68 -23.21
C TYR B 149 4.82 -3.90 -24.17
N GLN B 150 4.28 -5.12 -24.18
CA GLN B 150 3.16 -5.52 -25.09
C GLN B 150 1.97 -4.57 -24.88
N VAL B 151 1.62 -4.26 -23.62
CA VAL B 151 0.49 -3.35 -23.31
C VAL B 151 0.85 -1.94 -23.78
N ALA B 152 2.09 -1.50 -23.59
CA ALA B 152 2.53 -0.16 -24.07
C ALA B 152 2.40 -0.11 -25.59
N ARG B 153 2.74 -1.18 -26.30
CA ARG B 153 2.77 -1.25 -27.79
C ARG B 153 1.33 -1.16 -28.30
N GLY B 154 0.41 -1.84 -27.61
CA GLY B 154 -1.02 -1.85 -27.93
C GLY B 154 -1.59 -0.47 -27.75
N MET B 155 -1.22 0.17 -26.64
CA MET B 155 -1.69 1.53 -26.31
C MET B 155 -1.07 2.56 -27.26
N GLU B 156 0.17 2.35 -27.71
CA GLU B 156 0.84 3.26 -28.68
C GLU B 156 0.05 3.22 -29.98
N TYR B 157 -0.33 2.03 -30.44
CA TYR B 157 -1.15 1.81 -31.66
C TYR B 157 -2.48 2.54 -31.47
N LEU B 158 -3.21 2.23 -30.39
CA LEU B 158 -4.54 2.85 -30.14
C LEU B 158 -4.40 4.38 -30.15
N ALA B 159 -3.38 4.92 -29.46
CA ALA B 159 -3.14 6.38 -29.34
C ALA B 159 -2.85 7.00 -30.73
N SER B 160 -2.21 6.26 -31.63
CA SER B 160 -1.90 6.72 -33.01
C SER B 160 -3.18 6.73 -33.87
N LYS B 161 -4.24 6.07 -33.40
CA LYS B 161 -5.55 5.98 -34.09
C LYS B 161 -6.58 6.81 -33.33
N LYS B 162 -6.11 7.72 -32.46
CA LYS B 162 -6.92 8.73 -31.73
C LYS B 162 -7.87 8.03 -30.74
N CYS B 163 -7.55 6.82 -30.33
CA CYS B 163 -8.35 6.06 -29.34
C CYS B 163 -7.79 6.33 -27.94
N ILE B 164 -8.62 6.92 -27.09
CA ILE B 164 -8.38 7.09 -25.63
C ILE B 164 -9.18 5.99 -24.93
N HIS B 165 -8.51 5.18 -24.12
CA HIS B 165 -9.16 4.00 -23.48
C HIS B 165 -10.09 4.47 -22.35
N ARG B 166 -9.54 5.22 -21.39
CA ARG B 166 -10.29 5.83 -20.26
C ARG B 166 -10.41 4.86 -19.07
N ASP B 167 -10.19 3.55 -19.24
CA ASP B 167 -10.14 2.61 -18.08
C ASP B 167 -9.10 1.54 -18.37
N LEU B 168 -7.89 1.99 -18.67
CA LEU B 168 -6.75 1.09 -18.87
C LEU B 168 -6.40 0.52 -17.49
N ALA B 169 -6.42 -0.79 -17.36
CA ALA B 169 -6.24 -1.52 -16.10
C ALA B 169 -6.03 -2.98 -16.48
N ALA B 170 -5.37 -3.75 -15.64
CA ALA B 170 -5.08 -5.18 -15.94
C ALA B 170 -6.40 -5.91 -16.24
N ARG B 171 -7.53 -5.50 -15.65
CA ARG B 171 -8.86 -6.13 -15.93
C ARG B 171 -9.26 -5.95 -17.39
N ASN B 172 -8.70 -4.96 -18.10
CA ASN B 172 -9.07 -4.64 -19.50
C ASN B 172 -7.95 -5.05 -20.45
N VAL B 173 -7.03 -5.89 -19.97
CA VAL B 173 -6.01 -6.54 -20.82
C VAL B 173 -6.32 -8.04 -20.79
N LEU B 174 -6.50 -8.64 -21.96
CA LEU B 174 -6.74 -10.09 -22.07
C LEU B 174 -5.45 -10.75 -22.55
N VAL B 175 -5.27 -12.02 -22.19
CA VAL B 175 -4.09 -12.85 -22.52
C VAL B 175 -4.56 -14.03 -23.37
N THR B 176 -3.96 -14.21 -24.54
CA THR B 176 -4.28 -15.31 -25.48
C THR B 176 -3.57 -16.61 -25.05
N GLU B 177 -3.97 -17.71 -25.69
CA GLU B 177 -3.35 -19.05 -25.54
C GLU B 177 -1.83 -18.92 -25.63
N ASP B 178 -1.31 -18.09 -26.55
CA ASP B 178 0.13 -17.91 -26.83
C ASP B 178 0.72 -16.75 -26.00
N ASN B 179 0.06 -16.38 -24.90
CA ASN B 179 0.54 -15.39 -23.89
C ASN B 179 0.69 -14.00 -24.50
N VAL B 180 -0.06 -13.66 -25.55
CA VAL B 180 -0.04 -12.30 -26.15
C VAL B 180 -0.99 -11.41 -25.34
N MET B 181 -0.52 -10.21 -24.94
CA MET B 181 -1.31 -9.17 -24.26
C MET B 181 -2.17 -8.46 -25.32
N LYS B 182 -3.49 -8.36 -25.08
CA LYS B 182 -4.44 -7.69 -25.99
C LYS B 182 -5.32 -6.74 -25.19
N ILE B 183 -5.21 -5.45 -25.46
CA ILE B 183 -6.08 -4.42 -24.86
C ILE B 183 -7.53 -4.72 -25.26
N ALA B 184 -8.47 -4.69 -24.32
CA ALA B 184 -9.90 -4.91 -24.60
C ALA B 184 -10.70 -3.66 -24.19
N ASP B 185 -11.93 -3.53 -24.70
CA ASP B 185 -12.90 -2.52 -24.22
C ASP B 185 -12.40 -1.11 -24.58
N PHE B 186 -11.61 -0.99 -25.63
CA PHE B 186 -11.05 0.30 -26.10
C PHE B 186 -12.08 1.00 -26.99
N GLY B 187 -13.08 0.26 -27.49
CA GLY B 187 -14.14 0.78 -28.38
C GLY B 187 -15.39 1.23 -27.63
N LEU B 188 -15.47 0.96 -26.31
CA LEU B 188 -16.67 1.18 -25.46
C LEU B 188 -17.14 2.63 -25.56
N ALA B 189 -18.46 2.84 -25.55
CA ALA B 189 -19.14 4.15 -25.64
C ALA B 189 -19.31 4.75 -24.23
N ILE B 195 -20.40 9.41 -14.55
CA ILE B 195 -19.32 8.52 -14.03
C ILE B 195 -19.54 8.27 -12.54
N ASP B 196 -20.20 7.15 -12.18
CA ASP B 196 -20.46 6.74 -10.77
C ASP B 196 -19.15 6.29 -10.12
N TYR B 197 -18.50 7.19 -9.37
CA TYR B 197 -17.20 6.97 -8.69
C TYR B 197 -17.29 5.86 -7.64
N TYR B 198 -18.49 5.50 -7.15
CA TYR B 198 -18.68 4.55 -6.03
C TYR B 198 -18.93 3.13 -6.57
N LYS B 199 -19.10 2.96 -7.88
CA LYS B 199 -19.40 1.63 -8.48
C LYS B 199 -18.13 0.78 -8.49
N LYS B 200 -18.23 -0.43 -7.94
CA LYS B 200 -17.09 -1.38 -7.87
C LYS B 200 -17.12 -2.29 -9.10
N THR B 201 -15.97 -2.88 -9.43
CA THR B 201 -15.84 -3.98 -10.41
C THR B 201 -16.43 -5.25 -9.81
N THR B 202 -16.69 -6.25 -10.65
CA THR B 202 -17.04 -7.65 -10.25
C THR B 202 -16.18 -8.08 -9.06
N ASN B 203 -14.86 -7.82 -9.14
CA ASN B 203 -13.84 -8.30 -8.17
C ASN B 203 -13.80 -7.38 -6.93
N GLY B 204 -14.65 -6.35 -6.89
CA GLY B 204 -14.88 -5.50 -5.70
C GLY B 204 -13.88 -4.36 -5.57
N ARG B 205 -13.32 -3.87 -6.69
CA ARG B 205 -12.34 -2.75 -6.67
C ARG B 205 -12.95 -1.50 -7.30
N LEU B 206 -12.41 -0.32 -6.96
CA LEU B 206 -12.91 1.00 -7.45
C LEU B 206 -12.06 1.48 -8.63
N PRO B 207 -12.64 1.54 -9.85
CA PRO B 207 -11.91 2.02 -11.04
C PRO B 207 -11.32 3.43 -10.93
N VAL B 208 -11.87 4.28 -10.06
CA VAL B 208 -11.31 5.65 -9.81
C VAL B 208 -9.82 5.52 -9.46
N LYS B 209 -9.39 4.36 -8.94
CA LYS B 209 -8.00 4.17 -8.47
C LYS B 209 -7.01 4.10 -9.64
N TRP B 210 -7.51 3.99 -10.87
CA TRP B 210 -6.66 4.01 -12.10
C TRP B 210 -6.68 5.37 -12.81
N MET B 211 -7.54 6.30 -12.41
CA MET B 211 -7.83 7.56 -13.14
C MET B 211 -6.79 8.64 -12.80
N ALA B 212 -6.26 9.33 -13.82
CA ALA B 212 -5.38 10.52 -13.66
C ALA B 212 -6.12 11.58 -12.86
N PRO B 213 -5.41 12.45 -12.09
CA PRO B 213 -6.07 13.49 -11.31
C PRO B 213 -6.85 14.43 -12.24
N GLU B 214 -6.32 14.77 -13.43
CA GLU B 214 -7.03 15.69 -14.36
C GLU B 214 -8.33 15.05 -14.84
N ALA B 215 -8.39 13.72 -14.94
CA ALA B 215 -9.60 12.93 -15.32
C ALA B 215 -10.52 12.79 -14.11
N LEU B 216 -9.97 12.54 -12.93
CA LEU B 216 -10.74 12.35 -11.68
C LEU B 216 -11.35 13.70 -11.24
N PHE B 217 -10.54 14.76 -11.18
CA PHE B 217 -10.95 16.09 -10.66
C PHE B 217 -11.66 16.89 -11.75
N ASP B 218 -11.00 17.11 -12.90
CA ASP B 218 -11.40 18.10 -13.95
C ASP B 218 -12.09 17.41 -15.14
N ARG B 219 -12.41 16.11 -15.03
CA ARG B 219 -13.17 15.31 -16.03
C ARG B 219 -12.50 15.36 -17.41
N ILE B 220 -11.17 15.50 -17.46
CA ILE B 220 -10.35 15.60 -18.72
C ILE B 220 -9.67 14.25 -19.00
N TYR B 221 -9.80 13.77 -20.25
CA TYR B 221 -9.20 12.49 -20.70
C TYR B 221 -8.36 12.73 -21.95
N THR B 222 -7.07 12.39 -21.89
CA THR B 222 -6.13 12.48 -23.02
C THR B 222 -5.37 11.16 -23.14
N HIS B 223 -4.51 11.03 -24.15
CA HIS B 223 -3.53 9.93 -24.22
C HIS B 223 -2.65 9.93 -22.96
N GLN B 224 -2.43 11.12 -22.38
CA GLN B 224 -1.51 11.29 -21.22
C GLN B 224 -2.22 10.86 -19.92
N SER B 225 -3.54 10.98 -19.83
CA SER B 225 -4.32 10.43 -18.69
C SER B 225 -4.32 8.90 -18.76
N ASP B 226 -4.28 8.31 -19.96
CA ASP B 226 -4.12 6.85 -20.18
C ASP B 226 -2.70 6.42 -19.73
N VAL B 227 -1.71 7.30 -19.89
CA VAL B 227 -0.31 7.04 -19.43
C VAL B 227 -0.33 6.89 -17.90
N TRP B 228 -1.02 7.78 -17.18
CA TRP B 228 -1.18 7.65 -15.71
C TRP B 228 -1.73 6.26 -15.38
N SER B 229 -2.81 5.84 -16.05
CA SER B 229 -3.49 4.53 -15.83
C SER B 229 -2.50 3.40 -16.08
N PHE B 230 -1.66 3.57 -17.10
CA PHE B 230 -0.59 2.63 -17.46
C PHE B 230 0.39 2.47 -16.29
N GLY B 231 0.65 3.56 -15.56
CA GLY B 231 1.48 3.54 -14.34
C GLY B 231 0.87 2.61 -13.30
N VAL B 232 -0.43 2.74 -13.06
CA VAL B 232 -1.15 1.88 -12.09
C VAL B 232 -1.07 0.44 -12.62
N LEU B 233 -1.26 0.24 -13.94
CA LEU B 233 -1.22 -1.10 -14.57
C LEU B 233 0.19 -1.67 -14.36
N LEU B 234 1.25 -0.86 -14.48
CA LEU B 234 2.65 -1.32 -14.21
C LEU B 234 2.76 -1.81 -12.78
N TRP B 235 2.18 -1.07 -11.84
CA TRP B 235 2.18 -1.44 -10.41
C TRP B 235 1.44 -2.78 -10.25
N GLU B 236 0.32 -2.98 -10.96
CA GLU B 236 -0.46 -4.25 -10.96
C GLU B 236 0.43 -5.39 -11.45
N ILE B 237 1.19 -5.14 -12.52
CA ILE B 237 2.07 -6.19 -13.08
C ILE B 237 3.12 -6.55 -12.03
N PHE B 238 3.80 -5.58 -11.42
CA PHE B 238 5.00 -5.86 -10.58
C PHE B 238 4.60 -6.24 -9.15
N THR B 239 3.32 -6.17 -8.78
CA THR B 239 2.73 -6.78 -7.56
C THR B 239 2.03 -8.11 -7.90
N LEU B 240 2.13 -8.60 -9.13
CA LEU B 240 1.47 -9.85 -9.60
C LEU B 240 -0.04 -9.82 -9.28
N GLY B 241 -0.68 -8.71 -9.63
CA GLY B 241 -2.15 -8.59 -9.56
C GLY B 241 -2.58 -8.06 -8.22
N GLY B 242 -1.75 -7.23 -7.60
CA GLY B 242 -2.07 -6.47 -6.38
C GLY B 242 -3.23 -5.51 -6.59
N SER B 243 -3.93 -5.21 -5.49
CA SER B 243 -5.10 -4.31 -5.42
C SER B 243 -4.63 -2.92 -4.99
N PRO B 244 -4.74 -1.89 -5.83
CA PRO B 244 -4.27 -0.56 -5.44
C PRO B 244 -5.13 -0.04 -4.27
N TYR B 245 -4.48 0.58 -3.29
CA TYR B 245 -5.13 1.32 -2.17
C TYR B 245 -6.22 0.46 -1.54
N PRO B 246 -5.89 -0.74 -1.00
CA PRO B 246 -6.91 -1.61 -0.43
C PRO B 246 -7.50 -0.94 0.81
N GLY B 247 -8.84 -0.93 0.93
CA GLY B 247 -9.61 -0.34 2.03
C GLY B 247 -9.79 1.17 1.93
N VAL B 248 -9.32 1.80 0.86
CA VAL B 248 -9.40 3.28 0.68
C VAL B 248 -10.68 3.63 -0.08
N PRO B 249 -11.66 4.32 0.54
CA PRO B 249 -12.86 4.76 -0.16
C PRO B 249 -12.58 6.00 -1.01
N VAL B 250 -13.55 6.35 -1.86
CA VAL B 250 -13.41 7.41 -2.91
C VAL B 250 -12.91 8.70 -2.25
N GLU B 251 -13.50 9.11 -1.12
CA GLU B 251 -13.25 10.45 -0.51
C GLU B 251 -11.79 10.49 -0.05
N GLU B 252 -11.29 9.39 0.49
CA GLU B 252 -9.90 9.32 1.00
C GLU B 252 -8.95 9.32 -0.20
N LEU B 253 -9.31 8.64 -1.29
CA LEU B 253 -8.47 8.64 -2.52
C LEU B 253 -8.26 10.08 -2.99
N PHE B 254 -9.32 10.87 -3.10
CA PHE B 254 -9.26 12.30 -3.48
C PHE B 254 -8.22 13.00 -2.58
N LYS B 255 -8.34 12.79 -1.27
CA LYS B 255 -7.39 13.35 -0.26
C LYS B 255 -5.95 12.94 -0.59
N LEU B 256 -5.70 11.64 -0.87
CA LEU B 256 -4.32 11.16 -1.16
C LEU B 256 -3.75 11.87 -2.39
N LEU B 257 -4.52 11.98 -3.47
CA LEU B 257 -4.03 12.59 -4.73
C LEU B 257 -3.75 14.08 -4.49
N LYS B 258 -4.63 14.79 -3.78
CA LYS B 258 -4.42 16.20 -3.34
C LYS B 258 -3.08 16.34 -2.62
N GLU B 259 -2.77 15.43 -1.68
CA GLU B 259 -1.51 15.48 -0.89
C GLU B 259 -0.34 15.01 -1.74
N GLY B 260 -0.59 14.65 -3.00
CA GLY B 260 0.46 14.16 -3.90
C GLY B 260 0.99 12.82 -3.43
N HIS B 261 0.21 12.10 -2.64
CA HIS B 261 0.52 10.69 -2.27
C HIS B 261 0.80 9.90 -3.54
N ARG B 262 1.85 9.08 -3.52
CA ARG B 262 2.14 8.09 -4.57
C ARG B 262 2.32 6.73 -3.89
N MET B 263 1.87 5.65 -4.54
CA MET B 263 2.02 4.27 -4.03
C MET B 263 3.51 3.98 -3.87
N ASP B 264 3.87 3.25 -2.80
CA ASP B 264 5.27 2.83 -2.53
C ASP B 264 5.72 1.92 -3.68
N LYS B 265 7.03 1.82 -3.87
CA LYS B 265 7.65 0.85 -4.79
C LYS B 265 7.28 -0.56 -4.34
N PRO B 266 6.74 -1.41 -5.23
CA PRO B 266 6.56 -2.83 -4.89
C PRO B 266 7.92 -3.49 -4.60
N SER B 267 7.94 -4.50 -3.72
CA SER B 267 9.12 -5.39 -3.57
C SER B 267 9.33 -6.06 -4.93
N ASN B 268 10.54 -6.53 -5.23
CA ASN B 268 10.81 -7.24 -6.52
C ASN B 268 10.35 -6.32 -7.66
N CYS B 269 10.94 -5.13 -7.70
CA CYS B 269 10.73 -4.05 -8.70
C CYS B 269 11.97 -3.15 -8.68
N THR B 270 12.62 -2.96 -9.82
CA THR B 270 13.85 -2.13 -9.97
C THR B 270 13.52 -0.67 -9.67
N ASN B 271 14.49 0.14 -9.25
CA ASN B 271 14.34 1.62 -9.13
C ASN B 271 13.92 2.23 -10.47
N GLU B 272 14.38 1.66 -11.58
CA GLU B 272 14.11 2.15 -12.96
C GLU B 272 12.60 2.05 -13.24
N LEU B 273 12.04 0.85 -13.08
CA LEU B 273 10.60 0.58 -13.35
C LEU B 273 9.74 1.39 -12.39
N TYR B 274 10.21 1.60 -11.15
CA TYR B 274 9.53 2.49 -10.19
C TYR B 274 9.60 3.95 -10.67
N MET B 275 10.73 4.43 -11.19
CA MET B 275 10.80 5.84 -11.69
C MET B 275 9.84 5.95 -12.89
N MET B 276 9.73 4.88 -13.67
CA MET B 276 8.80 4.87 -14.84
C MET B 276 7.37 5.01 -14.31
N MET B 277 6.99 4.23 -13.30
CA MET B 277 5.67 4.37 -12.65
C MET B 277 5.49 5.82 -12.18
N ARG B 278 6.46 6.31 -11.38
CA ARG B 278 6.42 7.67 -10.80
C ARG B 278 6.32 8.72 -11.92
N ASP B 279 7.02 8.50 -13.04
CA ASP B 279 6.98 9.42 -14.23
C ASP B 279 5.57 9.44 -14.83
N CYS B 280 4.96 8.26 -15.02
CA CYS B 280 3.54 8.13 -15.43
C CYS B 280 2.63 8.88 -14.46
N TRP B 281 3.03 9.02 -13.20
CA TRP B 281 2.21 9.68 -12.15
C TRP B 281 2.63 11.15 -11.93
N HIS B 282 3.37 11.77 -12.86
CA HIS B 282 3.63 13.24 -12.81
C HIS B 282 2.28 13.95 -12.73
N ALA B 283 2.12 14.89 -11.79
CA ALA B 283 0.92 15.74 -11.65
C ALA B 283 0.61 16.45 -12.99
N VAL B 284 1.66 16.92 -13.69
CA VAL B 284 1.53 17.67 -14.98
C VAL B 284 1.60 16.68 -16.13
N PRO B 285 0.50 16.51 -16.90
CA PRO B 285 0.45 15.49 -17.97
C PRO B 285 1.59 15.55 -18.99
N SER B 286 2.05 16.76 -19.35
CA SER B 286 3.10 17.00 -20.37
C SER B 286 4.44 16.48 -19.86
N GLN B 287 4.62 16.39 -18.54
CA GLN B 287 5.85 15.83 -17.93
C GLN B 287 5.79 14.29 -17.95
N ARG B 288 4.61 13.69 -18.09
CA ARG B 288 4.51 12.20 -18.18
C ARG B 288 5.10 11.78 -19.51
N PRO B 289 5.72 10.59 -19.59
CA PRO B 289 6.17 10.10 -20.89
C PRO B 289 4.96 9.87 -21.81
N THR B 290 5.20 9.76 -23.11
CA THR B 290 4.18 9.31 -24.09
C THR B 290 4.28 7.79 -24.20
N PHE B 291 3.25 7.14 -24.74
CA PHE B 291 3.31 5.68 -25.06
C PHE B 291 4.48 5.40 -26.00
N LYS B 292 4.75 6.30 -26.95
CA LYS B 292 5.93 6.14 -27.84
C LYS B 292 7.18 6.02 -26.96
N GLN B 293 7.35 6.92 -25.99
CA GLN B 293 8.52 6.94 -25.07
C GLN B 293 8.51 5.71 -24.17
N LEU B 294 7.33 5.33 -23.65
CA LEU B 294 7.21 4.12 -22.79
C LEU B 294 7.59 2.89 -23.60
N VAL B 295 7.21 2.81 -24.87
CA VAL B 295 7.51 1.63 -25.72
C VAL B 295 9.04 1.54 -25.92
N GLU B 296 9.70 2.65 -26.24
CA GLU B 296 11.17 2.64 -26.48
C GLU B 296 11.88 2.21 -25.18
N ASP B 297 11.55 2.85 -24.06
CA ASP B 297 12.14 2.57 -22.72
C ASP B 297 11.90 1.10 -22.35
N LEU B 298 10.69 0.58 -22.54
CA LEU B 298 10.38 -0.82 -22.13
C LEU B 298 11.09 -1.79 -23.06
N ASP B 299 11.16 -1.46 -24.36
CA ASP B 299 11.94 -2.23 -25.36
C ASP B 299 13.39 -2.37 -24.85
N ARG B 300 14.02 -1.27 -24.45
CA ARG B 300 15.42 -1.28 -23.93
C ARG B 300 15.47 -2.14 -22.67
N ILE B 301 14.54 -1.93 -21.73
CA ILE B 301 14.54 -2.59 -20.38
C ILE B 301 14.32 -4.09 -20.56
N VAL B 302 13.39 -4.52 -21.41
CA VAL B 302 13.14 -5.98 -21.67
C VAL B 302 14.47 -6.67 -22.01
N ALA B 303 15.23 -6.11 -22.98
CA ALA B 303 16.50 -6.67 -23.49
C ALA B 303 17.55 -6.77 -22.38
N LEU B 304 17.52 -5.87 -21.39
CA LEU B 304 18.49 -5.81 -20.26
C LEU B 304 17.95 -6.51 -19.01
N THR B 305 16.78 -7.16 -19.10
CA THR B 305 16.18 -7.91 -17.96
C THR B 305 16.41 -9.39 -18.22
N SER B 306 17.00 -10.10 -17.26
CA SER B 306 17.45 -11.52 -17.37
C SER B 306 16.24 -12.47 -17.34
N ASN B 307 16.42 -13.67 -17.91
CA ASN B 307 15.47 -14.81 -17.82
C ASN B 307 15.99 -15.81 -16.76
O2 42I C . 10.59 14.67 22.76
C14 42I C . 11.79 14.77 22.59
C18 42I C . 12.25 15.56 21.35
C17 42I C . 11.28 16.24 20.58
C16 42I C . 11.64 16.95 19.44
C19 42I C . 13.58 15.62 20.93
C20 42I C . 13.94 16.35 19.79
C15 42I C . 12.96 17.01 19.04
N3 42I C . 12.68 14.21 23.44
C5 42I C . 12.43 13.42 24.53
C6 42I C . 11.24 13.03 25.12
C7 42I C . 11.60 12.17 26.18
N2 42I C . 12.92 12.09 26.17
N1 42I C . 13.49 12.85 25.14
C1 42I C . 10.65 11.59 27.01
C4 42I C . 9.88 13.30 24.89
C3 42I C . 8.93 12.71 25.71
C2 42I C . 9.29 11.85 26.77
C11 42I C . 8.23 11.26 27.61
C10 42I C . 8.51 10.83 28.90
C9 42I C . 7.53 10.27 29.70
C12 42I C . 6.92 11.14 27.12
C13 42I C . 5.93 10.60 27.92
C8 42I C . 6.24 10.16 29.21
O1 42I C . 5.33 9.67 29.92
H13 42I C . 10.23 16.19 20.88
H12 42I C . 10.87 17.47 18.86
H14 42I C . 14.36 15.13 21.49
H15 42I C . 14.97 16.40 19.48
H11 42I C . 13.25 17.58 18.16
HN3 42I C . 13.66 14.35 23.23
H4 42I C . 13.59 11.57 26.77
H1 42I C . 10.96 10.93 27.81
H3 42I C . 9.55 13.95 24.08
H2 42I C . 7.88 12.94 25.52
H6 42I C . 9.51 10.91 29.28
H5 42I C . 7.76 9.93 30.70
H7 42I C . 6.67 11.47 26.13
H8 42I C . 4.93 10.51 27.53
S SO4 D . 2.71 8.84 14.11
O1 SO4 D . 3.92 9.30 14.75
O2 SO4 D . 2.67 9.39 12.76
O3 SO4 D . 2.67 7.38 14.02
O4 SO4 D . 1.57 9.30 14.85
S SO4 E . 6.30 -15.68 38.11
O1 SO4 E . 7.44 -16.00 38.92
O2 SO4 E . 6.69 -14.73 37.09
O3 SO4 E . 5.80 -16.88 37.48
O4 SO4 E . 5.27 -15.11 38.94
S SO4 F . 24.54 -3.26 23.09
O1 SO4 F . 25.77 -2.92 23.76
O2 SO4 F . 24.68 -3.02 21.68
O3 SO4 F . 24.22 -4.65 23.32
O4 SO4 F . 23.47 -2.44 23.61
S SO4 G . 28.18 -1.33 12.31
O1 SO4 G . 29.19 -0.35 12.51
O2 SO4 G . 27.81 -1.38 10.92
O3 SO4 G . 28.67 -2.62 12.72
O4 SO4 G . 27.01 -1.00 13.09
S SO4 H . 3.07 10.71 7.34
O1 SO4 H . 3.93 11.07 8.44
O2 SO4 H . 2.83 11.89 6.53
O3 SO4 H . 3.70 9.69 6.55
O4 SO4 H . 1.82 10.22 7.85
C1 EDO I . 8.31 6.83 30.22
O1 EDO I . 8.11 7.16 28.86
C2 EDO I . 7.61 5.59 30.68
O2 EDO I . 6.20 5.62 30.53
H11 EDO I . 8.00 7.57 30.78
H12 EDO I . 9.27 6.71 30.39
HO1 EDO I . 8.56 7.86 28.71
H21 EDO I . 7.82 5.44 31.62
H22 EDO I . 7.95 4.83 30.17
HO2 EDO I . 5.92 6.41 30.69
C1 EDO J . -1.20 -5.53 10.33
O1 EDO J . -2.47 -4.93 10.50
C2 EDO J . -1.21 -6.60 9.33
O2 EDO J . -1.16 -6.12 8.00
H11 EDO J . -0.91 -5.91 11.19
H12 EDO J . -0.55 -4.85 10.06
HO1 EDO J . -2.40 -4.31 11.09
H21 EDO J . -2.03 -7.14 9.44
H22 EDO J . -0.44 -7.19 9.48
HO2 EDO J . -1.85 -5.64 7.85
C1 EDO K . 8.22 -12.37 26.15
O1 EDO K . 9.20 -13.16 25.54
C2 EDO K . 6.84 -12.54 25.62
O2 EDO K . 6.64 -11.97 24.32
H11 EDO K . 8.47 -11.43 26.06
H12 EDO K . 8.20 -12.60 27.11
HO1 EDO K . 9.96 -12.99 25.89
H21 EDO K . 6.22 -12.12 26.26
H22 EDO K . 6.64 -13.49 25.58
HO2 EDO K . 6.05 -11.36 24.38
O2 42I L . -13.24 -13.18 -21.48
C14 42I L . -12.57 -14.11 -21.87
C18 42I L . -12.34 -15.27 -20.89
C17 42I L . -11.29 -16.19 -21.02
C16 42I L . -11.13 -17.23 -20.11
C19 42I L . -13.21 -15.43 -19.80
C20 42I L . -13.05 -16.48 -18.88
C15 42I L . -12.00 -17.39 -19.04
N3 42I L . -12.09 -14.12 -23.11
C5 42I L . -12.27 -13.17 -24.09
C6 42I L . -12.98 -11.96 -24.12
C7 42I L . -12.73 -11.36 -25.38
N2 42I L . -11.89 -12.19 -26.00
N1 42I L . -11.59 -13.32 -25.22
C1 42I L . -13.30 -10.15 -25.73
C4 42I L . -13.83 -11.34 -23.22
C3 42I L . -14.41 -10.12 -23.56
C2 42I L . -14.16 -9.52 -24.82
C11 42I L . -14.81 -8.22 -25.10
C10 42I L . -15.12 -7.79 -26.40
C9 42I L . -15.75 -6.55 -26.61
C12 42I L . -15.16 -7.39 -24.02
C13 42I L . -15.78 -6.17 -24.23
C8 42I L . -16.07 -5.74 -25.51
O1 42I L . -16.62 -4.62 -25.65
H13 42I L . -10.60 -16.10 -21.84
H12 42I L . -10.31 -17.94 -20.23
H14 42I L . -14.04 -14.75 -19.66
H15 42I L . -13.73 -16.59 -18.06
H11 42I L . -11.87 -18.19 -18.34
HN3 42I L . -11.53 -14.91 -23.38
H4 42I L . -11.44 -12.16 -26.94
H1 42I L . -13.09 -9.71 -26.69
H3 42I L . -14.06 -11.74 -22.24
H2 42I L . -15.06 -9.65 -22.85
H6 42I L . -14.87 -8.40 -27.24
H5 42I L . -15.96 -6.22 -27.61
H7 42I L . -14.94 -7.69 -23.01
H8 42I L . -16.03 -5.55 -23.38
S SO4 M . -10.26 -5.89 -10.97
O1 SO4 M . -9.14 -5.03 -11.25
O2 SO4 M . -11.49 -5.16 -11.10
O3 SO4 M . -10.15 -6.39 -9.62
O4 SO4 M . -10.30 -7.00 -11.90
S SO4 N . 6.58 -9.34 -31.05
O1 SO4 N . 7.39 -8.82 -29.97
O2 SO4 N . 6.67 -8.48 -32.20
O3 SO4 N . 7.04 -10.66 -31.40
O4 SO4 N . 5.21 -9.43 -30.61
S SO4 O . -13.24 -7.05 -20.65
O1 SO4 O . -12.64 -5.85 -21.20
O2 SO4 O . -12.98 -8.15 -21.53
O3 SO4 O . -12.65 -7.32 -19.37
O4 SO4 O . -14.66 -6.85 -20.51
C1 EDO P . -13.03 -4.93 -28.00
O1 EDO P . -12.83 -5.38 -26.68
C2 EDO P . -12.94 -3.45 -28.21
O2 EDO P . -13.73 -2.61 -27.38
H11 EDO P . -13.92 -5.22 -28.30
H12 EDO P . -12.38 -5.37 -28.59
HO1 EDO P . -12.91 -6.21 -26.65
H21 EDO P . -13.16 -3.25 -29.15
H22 EDO P . -12.00 -3.19 -28.08
HO2 EDO P . -14.44 -3.02 -27.18
C1 EDO Q . -0.25 7.01 -7.51
O1 EDO Q . -0.12 6.33 -6.27
C2 EDO Q . -1.39 6.56 -8.33
O2 EDO Q . -2.64 7.00 -7.82
H11 EDO Q . 0.57 6.90 -8.03
H12 EDO Q . -0.35 7.97 -7.32
HO1 EDO Q . 0.50 6.62 -5.82
H21 EDO Q . -1.39 5.59 -8.38
H22 EDO Q . -1.29 6.92 -9.24
HO2 EDO Q . -2.62 6.98 -6.98
#